data_2C24
#
_entry.id   2C24
#
_cell.length_a   66.579
_cell.length_b   85.475
_cell.length_c   88.926
_cell.angle_alpha   90.00
_cell.angle_beta   90.00
_cell.angle_gamma   90.00
#
_symmetry.space_group_name_H-M   'P 21 21 21'
#
loop_
_entity.id
_entity.type
_entity.pdbx_description
1 polymer ENDOGLUCANASE
2 water water
#
_entity_poly.entity_id   1
_entity_poly.type   'polypeptide(L)'
_entity_poly.pdbx_seq_one_letter_code
;MSASAETVAPEGYRKLLDVQIFKDSPVVGWSGSGMGELETIGDTLPVDTTVTYNGLPTLRLNVQTTVQSGWWISLLTLRG
WNTHDLSQYVENGYLEFDIKGKEGGEDFVIGFRDKVYERVYGLEIDVTTVISNYVTVTTDWQHVKIPLRDLMKINNGFDP
SSVTCLVFSKRYADPFTVWFSDIKITSEDNEKSAPAIKLEHHHHHH
;
_entity_poly.pdbx_strand_id   A,B
#
# COMPACT_ATOMS: atom_id res chain seq x y z
N LEU A 16 -24.78 -20.04 -4.83
CA LEU A 16 -23.34 -20.04 -4.42
C LEU A 16 -23.18 -20.02 -2.90
N LEU A 17 -22.32 -20.91 -2.40
CA LEU A 17 -22.11 -21.08 -0.97
C LEU A 17 -21.49 -19.85 -0.31
N ASP A 18 -21.94 -19.53 0.90
CA ASP A 18 -21.37 -18.46 1.70
C ASP A 18 -19.90 -18.72 1.99
N VAL A 19 -19.11 -17.65 2.09
CA VAL A 19 -17.72 -17.76 2.51
C VAL A 19 -17.61 -17.10 3.87
N GLN A 20 -17.52 -17.93 4.91
CA GLN A 20 -17.50 -17.46 6.29
C GLN A 20 -16.13 -16.90 6.63
N ILE A 21 -16.12 -15.69 7.18
CA ILE A 21 -14.88 -15.05 7.61
C ILE A 21 -14.76 -15.15 9.13
N PHE A 22 -15.80 -14.69 9.83
CA PHE A 22 -15.88 -14.89 11.27
C PHE A 22 -17.25 -15.48 11.64
N LYS A 23 -17.22 -16.51 12.49
CA LYS A 23 -18.44 -17.12 13.03
C LYS A 23 -18.44 -17.15 14.56
N ASP A 24 -17.54 -17.95 15.13
CA ASP A 24 -17.57 -18.19 16.59
C ASP A 24 -16.19 -18.31 17.24
N SER A 25 -15.13 -18.31 16.43
CA SER A 25 -13.78 -18.51 16.97
C SER A 25 -12.73 -17.56 16.37
N PRO A 26 -11.55 -17.47 17.00
CA PRO A 26 -10.45 -16.66 16.49
C PRO A 26 -10.14 -16.91 15.02
N VAL A 27 -9.78 -15.84 14.31
CA VAL A 27 -9.54 -15.90 12.88
C VAL A 27 -8.03 -15.85 12.65
N VAL A 28 -7.53 -16.81 11.86
CA VAL A 28 -6.15 -16.79 11.42
C VAL A 28 -5.93 -15.52 10.57
N GLY A 29 -4.82 -14.85 10.81
CA GLY A 29 -4.50 -13.61 10.11
C GLY A 29 -3.43 -12.84 10.86
N TRP A 30 -3.30 -11.57 10.54
CA TRP A 30 -2.35 -10.71 11.24
C TRP A 30 -2.95 -9.35 11.49
N SER A 31 -2.92 -8.94 12.75
CA SER A 31 -3.32 -7.61 13.16
C SER A 31 -2.20 -6.99 13.97
N GLY A 32 -2.08 -5.67 13.87
CA GLY A 32 -0.99 -4.98 14.55
C GLY A 32 -0.97 -3.50 14.25
N SER A 33 0.07 -2.84 14.76
CA SER A 33 0.17 -1.39 14.74
C SER A 33 1.59 -0.98 15.15
N GLY A 34 1.96 0.27 14.86
CA GLY A 34 3.31 0.75 15.12
C GLY A 34 3.73 0.78 16.58
N MET A 35 2.79 1.18 17.45
CA MET A 35 3.07 1.36 18.88
C MET A 35 2.25 0.44 19.80
N GLY A 36 1.37 -0.37 19.22
CA GLY A 36 0.52 -1.26 20.01
C GLY A 36 -0.83 -0.67 20.42
N GLU A 37 -1.28 0.34 19.69
CA GLU A 37 -2.59 0.98 19.95
C GLU A 37 -3.73 0.02 19.71
N LEU A 38 -3.61 -0.81 18.67
CA LEU A 38 -4.61 -1.81 18.34
C LEU A 38 -4.51 -3.00 19.28
N GLU A 39 -5.64 -3.36 19.88
CA GLU A 39 -5.72 -4.53 20.75
C GLU A 39 -5.70 -5.83 19.94
N THR A 40 -4.70 -6.65 20.22
CA THR A 40 -4.56 -7.96 19.59
C THR A 40 -4.12 -8.99 20.62
N ILE A 41 -4.40 -10.26 20.29
CA ILE A 41 -3.88 -11.40 21.03
C ILE A 41 -3.42 -12.46 20.03
N GLY A 42 -2.17 -12.91 20.16
CA GLY A 42 -1.53 -13.79 19.18
C GLY A 42 -1.52 -13.17 17.80
N ASP A 43 -1.28 -11.86 17.74
CA ASP A 43 -1.27 -11.09 16.50
C ASP A 43 -2.55 -11.21 15.66
N THR A 44 -3.69 -11.39 16.33
CA THR A 44 -4.98 -11.40 15.66
C THR A 44 -6.04 -10.75 16.55
N LEU A 45 -7.22 -10.48 16.00
CA LEU A 45 -8.30 -9.80 16.72
C LEU A 45 -8.88 -10.63 17.86
N PRO A 46 -9.15 -10.00 19.03
CA PRO A 46 -9.78 -10.68 20.16
C PRO A 46 -11.21 -11.10 19.83
N VAL A 47 -11.62 -12.25 20.36
CA VAL A 47 -13.00 -12.69 20.30
C VAL A 47 -13.66 -12.35 21.64
N ASP A 48 -14.77 -11.64 21.57
CA ASP A 48 -15.48 -11.19 22.77
C ASP A 48 -16.61 -12.15 23.09
N THR A 49 -16.57 -12.73 24.29
CA THR A 49 -17.60 -13.68 24.74
C THR A 49 -18.65 -13.02 25.64
N THR A 50 -18.34 -11.84 26.17
CA THR A 50 -19.30 -11.10 26.99
C THR A 50 -20.30 -10.37 26.09
N VAL A 51 -19.78 -9.71 25.06
CA VAL A 51 -20.62 -9.14 24.00
C VAL A 51 -20.93 -10.23 22.98
N THR A 52 -22.19 -10.68 22.97
CA THR A 52 -22.63 -11.69 22.00
C THR A 52 -23.69 -11.12 21.06
N TYR A 53 -23.97 -11.85 20.00
CA TYR A 53 -25.05 -11.54 19.08
C TYR A 53 -25.51 -12.81 18.40
N ASN A 54 -26.82 -13.04 18.44
CA ASN A 54 -27.44 -14.27 17.92
C ASN A 54 -26.89 -15.55 18.57
N GLY A 55 -26.54 -15.43 19.85
CA GLY A 55 -26.05 -16.57 20.64
C GLY A 55 -24.66 -17.04 20.27
N LEU A 56 -23.84 -16.14 19.75
CA LEU A 56 -22.46 -16.44 19.39
C LEU A 56 -21.54 -15.28 19.79
N PRO A 57 -20.25 -15.57 20.04
CA PRO A 57 -19.32 -14.49 20.41
C PRO A 57 -19.08 -13.49 19.27
N THR A 58 -18.49 -12.35 19.60
CA THR A 58 -18.22 -11.32 18.59
C THR A 58 -16.72 -11.05 18.41
N LEU A 59 -16.37 -10.38 17.32
CA LEU A 59 -14.98 -10.03 17.03
C LEU A 59 -14.76 -8.56 17.35
N ARG A 60 -13.76 -8.30 18.19
CA ARG A 60 -13.51 -6.96 18.72
C ARG A 60 -12.38 -6.23 18.00
N LEU A 61 -12.74 -5.19 17.24
CA LEU A 61 -11.77 -4.24 16.70
C LEU A 61 -11.70 -3.03 17.62
N ASN A 62 -10.57 -2.91 18.33
CA ASN A 62 -10.40 -1.90 19.37
C ASN A 62 -9.03 -1.23 19.31
N VAL A 63 -9.00 0.00 18.81
CA VAL A 63 -7.81 0.85 18.93
C VAL A 63 -7.94 1.65 20.23
N GLN A 64 -6.88 1.57 21.05
CA GLN A 64 -6.95 1.97 22.46
C GLN A 64 -6.50 3.39 22.73
N THR A 65 -5.53 3.87 21.94
CA THR A 65 -5.02 5.24 22.06
C THR A 65 -4.86 5.90 20.68
N THR A 66 -4.39 7.15 20.68
CA THR A 66 -4.36 7.98 19.47
C THR A 66 -3.18 7.69 18.55
N VAL A 67 -1.98 8.14 18.95
CA VAL A 67 -0.76 8.10 18.12
C VAL A 67 -0.86 8.95 16.84
N GLY A 70 1.68 7.11 12.62
CA GLY A 70 0.85 6.11 13.25
C GLY A 70 0.07 5.28 12.24
N TRP A 71 0.09 3.96 12.42
CA TRP A 71 -0.60 3.03 11.52
C TRP A 71 -1.16 1.85 12.29
N TRP A 72 -2.30 1.33 11.84
CA TRP A 72 -2.76 0.01 12.27
C TRP A 72 -3.41 -0.76 11.12
N ILE A 73 -3.35 -2.08 11.20
CA ILE A 73 -3.94 -2.93 10.19
C ILE A 73 -4.47 -4.22 10.82
N SER A 74 -5.53 -4.74 10.24
CA SER A 74 -6.05 -6.03 10.66
C SER A 74 -6.41 -6.85 9.43
N LEU A 75 -5.72 -7.98 9.28
CA LEU A 75 -5.99 -8.90 8.19
C LEU A 75 -6.68 -10.14 8.74
N LEU A 76 -7.83 -10.47 8.15
CA LEU A 76 -8.57 -11.66 8.52
C LEU A 76 -8.63 -12.55 7.28
N THR A 77 -7.97 -13.70 7.36
CA THR A 77 -7.89 -14.60 6.21
C THR A 77 -9.23 -15.27 5.89
N LEU A 78 -9.45 -15.50 4.60
CA LEU A 78 -10.61 -16.24 4.11
C LEU A 78 -10.36 -17.74 4.25
N ARG A 79 -9.13 -18.15 3.96
CA ARG A 79 -8.74 -19.56 3.98
C ARG A 79 -7.31 -19.75 4.47
N GLY A 80 -7.01 -19.21 5.66
CA GLY A 80 -5.69 -19.37 6.28
C GLY A 80 -4.47 -18.90 5.48
N TRP A 81 -4.65 -17.85 4.68
CA TRP A 81 -3.61 -17.24 3.82
C TRP A 81 -3.59 -17.78 2.39
N ASN A 82 -4.27 -18.91 2.15
CA ASN A 82 -4.49 -19.40 0.79
C ASN A 82 -5.42 -18.47 0.04
N THR A 83 -5.26 -18.43 -1.28
CA THR A 83 -6.11 -17.57 -2.10
C THR A 83 -7.47 -18.20 -2.27
N HIS A 84 -8.50 -17.37 -2.38
CA HIS A 84 -9.85 -17.86 -2.61
C HIS A 84 -10.49 -17.16 -3.80
N ASP A 85 -11.01 -17.97 -4.72
CA ASP A 85 -11.65 -17.48 -5.94
C ASP A 85 -13.03 -16.90 -5.61
N LEU A 86 -13.13 -15.58 -5.70
CA LEU A 86 -14.39 -14.87 -5.48
C LEU A 86 -14.91 -14.20 -6.78
N SER A 87 -14.43 -14.68 -7.92
CA SER A 87 -14.75 -14.08 -9.22
C SER A 87 -16.22 -14.25 -9.62
N GLN A 88 -16.81 -15.39 -9.28
CA GLN A 88 -18.24 -15.63 -9.48
C GLN A 88 -19.10 -14.82 -8.52
N TYR A 89 -18.48 -14.23 -7.50
CA TYR A 89 -19.20 -13.48 -6.45
C TYR A 89 -19.26 -11.98 -6.72
N VAL A 90 -18.42 -11.47 -7.62
CA VAL A 90 -18.32 -10.02 -7.84
C VAL A 90 -19.60 -9.42 -8.43
N GLU A 91 -20.15 -10.09 -9.45
CA GLU A 91 -21.38 -9.63 -10.12
C GLU A 91 -22.43 -9.04 -9.18
N ASN A 92 -22.96 -9.88 -8.29
CA ASN A 92 -24.05 -9.48 -7.41
C ASN A 92 -23.82 -9.76 -5.92
N GLY A 93 -22.68 -10.38 -5.60
CA GLY A 93 -22.32 -10.74 -4.24
C GLY A 93 -22.14 -9.57 -3.28
N TYR A 94 -22.19 -9.87 -1.98
CA TYR A 94 -22.00 -8.87 -0.93
C TYR A 94 -20.97 -9.31 0.09
N LEU A 95 -20.44 -8.34 0.84
CA LEU A 95 -19.78 -8.60 2.10
C LEU A 95 -20.77 -8.23 3.19
N GLU A 96 -21.20 -9.24 3.95
CA GLU A 96 -22.22 -9.05 4.96
C GLU A 96 -21.66 -9.29 6.36
N PHE A 97 -22.14 -8.48 7.29
CA PHE A 97 -21.76 -8.58 8.70
C PHE A 97 -22.68 -7.67 9.50
N ASP A 98 -22.77 -7.94 10.81
CA ASP A 98 -23.47 -7.07 11.73
C ASP A 98 -22.39 -6.32 12.52
N ILE A 99 -22.72 -5.08 12.94
CA ILE A 99 -21.75 -4.21 13.61
C ILE A 99 -22.41 -3.26 14.61
N LYS A 100 -21.72 -3.04 15.73
CA LYS A 100 -22.09 -1.97 16.65
C LYS A 100 -20.85 -1.34 17.28
N GLY A 101 -20.94 -0.08 17.63
CA GLY A 101 -19.82 0.66 18.19
C GLY A 101 -19.99 0.91 19.67
N LYS A 102 -18.94 1.42 20.31
CA LYS A 102 -18.99 1.72 21.74
C LYS A 102 -19.71 3.03 22.01
N GLU A 103 -19.82 3.88 20.97
CA GLU A 103 -20.48 5.18 21.09
C GLU A 103 -21.16 5.67 19.81
N GLY A 104 -20.66 5.22 18.66
CA GLY A 104 -21.28 5.54 17.38
C GLY A 104 -20.44 6.43 16.47
N GLY A 105 -20.69 6.32 15.17
CA GLY A 105 -19.96 7.10 14.18
C GLY A 105 -18.51 6.71 14.01
N GLU A 106 -18.20 5.45 14.31
CA GLU A 106 -16.84 4.93 14.14
C GLU A 106 -16.53 4.75 12.67
N ASP A 107 -15.28 5.03 12.29
CA ASP A 107 -14.91 4.95 10.90
C ASP A 107 -13.49 4.44 10.73
N PHE A 108 -13.33 3.59 9.71
CA PHE A 108 -12.05 3.00 9.38
C PHE A 108 -12.09 2.50 7.93
N VAL A 109 -10.91 2.23 7.39
CA VAL A 109 -10.79 1.68 6.05
C VAL A 109 -11.17 0.21 6.11
N ILE A 110 -11.91 -0.25 5.11
CA ILE A 110 -12.36 -1.63 5.03
C ILE A 110 -12.28 -2.12 3.58
N GLY A 111 -11.82 -3.35 3.39
CA GLY A 111 -11.67 -3.89 2.04
C GLY A 111 -11.06 -5.28 1.97
N PHE A 112 -10.40 -5.55 0.85
CA PHE A 112 -9.84 -6.87 0.57
C PHE A 112 -8.41 -6.79 0.05
N ARG A 113 -7.68 -7.89 0.24
CA ARG A 113 -6.33 -8.03 -0.23
C ARG A 113 -6.24 -9.31 -1.06
N ASP A 114 -5.52 -9.24 -2.18
CA ASP A 114 -5.27 -10.45 -2.97
C ASP A 114 -3.80 -10.88 -2.87
N LYS A 115 -3.43 -11.90 -3.62
CA LYS A 115 -2.03 -12.28 -3.77
C LYS A 115 -1.84 -12.93 -5.12
N VAL A 116 -0.95 -12.34 -5.92
CA VAL A 116 -0.61 -12.85 -7.24
C VAL A 116 0.91 -12.73 -7.41
N TYR A 117 1.59 -13.87 -7.35
CA TYR A 117 3.06 -13.92 -7.35
C TYR A 117 3.70 -13.42 -8.65
N GLU A 118 2.95 -13.51 -9.75
CA GLU A 118 3.46 -13.17 -11.07
C GLU A 118 3.35 -11.66 -11.37
N ARG A 119 2.63 -10.95 -10.50
CA ARG A 119 2.30 -9.54 -10.72
C ARG A 119 3.33 -8.62 -10.04
N VAL A 120 4.34 -8.22 -10.81
CA VAL A 120 5.57 -7.62 -10.27
C VAL A 120 5.38 -6.29 -9.56
N TYR A 121 4.37 -5.54 -10.00
CA TYR A 121 4.11 -4.20 -9.48
C TYR A 121 3.31 -4.20 -8.18
N GLY A 122 3.03 -5.39 -7.67
CA GLY A 122 2.30 -5.56 -6.42
C GLY A 122 1.91 -7.00 -6.21
N LEU A 123 2.71 -7.73 -5.44
CA LEU A 123 2.41 -9.11 -5.09
C LEU A 123 1.06 -9.22 -4.38
N GLU A 124 0.74 -8.19 -3.59
CA GLU A 124 -0.56 -8.09 -2.91
C GLU A 124 -1.13 -6.69 -3.12
N ILE A 125 -2.33 -6.62 -3.68
CA ILE A 125 -3.02 -5.34 -3.90
C ILE A 125 -4.30 -5.28 -3.05
N ASP A 126 -4.54 -4.11 -2.45
CA ASP A 126 -5.75 -3.85 -1.69
C ASP A 126 -6.78 -3.04 -2.48
N VAL A 127 -8.04 -3.40 -2.31
CA VAL A 127 -9.15 -2.56 -2.75
C VAL A 127 -9.97 -2.20 -1.52
N THR A 128 -10.09 -0.90 -1.25
CA THR A 128 -10.64 -0.45 0.02
C THR A 128 -11.63 0.72 -0.11
N THR A 129 -12.46 0.85 0.91
CA THR A 129 -13.37 1.98 1.07
C THR A 129 -13.41 2.32 2.55
N VAL A 130 -14.11 3.39 2.91
CA VAL A 130 -14.39 3.68 4.31
C VAL A 130 -15.75 3.08 4.67
N ILE A 131 -15.87 2.60 5.90
CA ILE A 131 -17.09 1.92 6.33
C ILE A 131 -18.28 2.88 6.49
N SER A 132 -17.98 4.15 6.78
CA SER A 132 -19.01 5.18 6.94
C SER A 132 -19.80 5.47 5.66
N ASN A 133 -19.25 5.03 4.51
CA ASN A 133 -19.95 5.11 3.23
C ASN A 133 -21.11 4.12 3.14
N TYR A 134 -21.04 3.04 3.90
CA TYR A 134 -22.02 1.96 3.81
C TYR A 134 -22.87 1.79 5.06
N VAL A 135 -22.44 2.41 6.16
CA VAL A 135 -23.18 2.35 7.42
C VAL A 135 -22.73 3.46 8.38
N THR A 136 -23.71 4.13 8.99
CA THR A 136 -23.45 5.01 10.12
C THR A 136 -23.60 4.16 11.38
N VAL A 137 -22.48 3.95 12.07
CA VAL A 137 -22.43 3.02 13.19
C VAL A 137 -23.09 3.61 14.44
N THR A 138 -24.01 2.85 15.03
CA THR A 138 -24.69 3.22 16.26
C THR A 138 -24.33 2.22 17.37
N THR A 139 -24.71 2.53 18.60
CA THR A 139 -24.55 1.61 19.73
C THR A 139 -25.50 0.41 19.64
N ASP A 140 -26.31 0.39 18.58
CA ASP A 140 -27.19 -0.74 18.27
C ASP A 140 -26.65 -1.55 17.10
N TRP A 141 -26.97 -2.85 17.08
CA TRP A 141 -26.57 -3.72 15.99
C TRP A 141 -27.27 -3.33 14.69
N GLN A 142 -26.50 -3.26 13.62
CA GLN A 142 -27.04 -3.01 12.28
C GLN A 142 -26.42 -3.98 11.31
N HIS A 143 -27.24 -4.54 10.43
CA HIS A 143 -26.74 -5.42 9.39
C HIS A 143 -26.38 -4.59 8.16
N VAL A 144 -25.11 -4.65 7.77
CA VAL A 144 -24.64 -3.91 6.61
C VAL A 144 -24.18 -4.86 5.51
N LYS A 145 -24.51 -4.50 4.27
CA LYS A 145 -24.08 -5.26 3.10
C LYS A 145 -23.25 -4.36 2.20
N ILE A 146 -22.05 -4.80 1.87
CA ILE A 146 -21.17 -4.08 0.96
C ILE A 146 -21.01 -4.88 -0.32
N PRO A 147 -21.51 -4.34 -1.46
CA PRO A 147 -21.45 -5.02 -2.73
C PRO A 147 -20.00 -5.20 -3.19
N LEU A 148 -19.64 -6.40 -3.61
CA LEU A 148 -18.28 -6.68 -4.08
C LEU A 148 -17.91 -5.88 -5.33
N ARG A 149 -18.91 -5.53 -6.13
CA ARG A 149 -18.70 -4.75 -7.37
C ARG A 149 -18.25 -3.32 -7.11
N ASP A 150 -18.46 -2.84 -5.89
CA ASP A 150 -18.02 -1.50 -5.50
C ASP A 150 -16.53 -1.44 -5.17
N LEU A 151 -15.91 -2.61 -4.98
CA LEU A 151 -14.50 -2.71 -4.62
C LEU A 151 -13.68 -3.52 -5.63
N MET A 152 -14.19 -4.69 -5.98
CA MET A 152 -13.40 -5.67 -6.73
C MET A 152 -13.35 -5.41 -8.23
N LYS A 153 -13.82 -4.24 -8.65
CA LYS A 153 -13.80 -3.85 -10.06
C LYS A 153 -12.86 -2.68 -10.33
N ILE A 154 -12.33 -2.07 -9.25
CA ILE A 154 -11.32 -1.01 -9.33
C ILE A 154 -10.16 -1.42 -10.26
N ASN A 155 -9.80 -0.54 -11.21
CA ASN A 155 -8.72 -0.82 -12.19
C ASN A 155 -7.31 -0.80 -11.58
N ASN A 156 -7.13 -1.61 -10.55
CA ASN A 156 -5.95 -1.59 -9.69
C ASN A 156 -4.96 -2.67 -10.05
N GLY A 157 -5.42 -3.66 -10.81
CA GLY A 157 -4.69 -4.91 -10.98
C GLY A 157 -5.18 -5.97 -10.02
N PHE A 158 -6.02 -5.57 -9.05
CA PHE A 158 -6.64 -6.50 -8.09
C PHE A 158 -7.32 -7.68 -8.79
N ASP A 159 -7.05 -8.87 -8.28
CA ASP A 159 -7.56 -10.12 -8.87
C ASP A 159 -8.56 -10.82 -7.92
N PRO A 160 -9.86 -10.74 -8.24
CA PRO A 160 -10.93 -11.31 -7.41
C PRO A 160 -10.88 -12.84 -7.30
N SER A 161 -10.06 -13.48 -8.13
CA SER A 161 -9.89 -14.92 -8.09
C SER A 161 -8.71 -15.37 -7.20
N SER A 162 -8.07 -14.41 -6.53
CA SER A 162 -6.94 -14.70 -5.65
C SER A 162 -6.99 -13.89 -4.37
N VAL A 163 -8.17 -13.81 -3.76
CA VAL A 163 -8.36 -13.00 -2.57
C VAL A 163 -7.94 -13.80 -1.33
N THR A 164 -7.08 -13.22 -0.50
CA THR A 164 -6.60 -13.87 0.70
C THR A 164 -7.29 -13.37 1.97
N CYS A 165 -7.54 -12.07 2.04
CA CYS A 165 -7.92 -11.41 3.29
C CYS A 165 -9.03 -10.37 3.19
N LEU A 166 -9.83 -10.28 4.26
CA LEU A 166 -10.58 -9.08 4.57
C LEU A 166 -9.64 -8.16 5.36
N VAL A 167 -9.70 -6.87 5.08
CA VAL A 167 -8.78 -5.89 5.68
C VAL A 167 -9.54 -4.79 6.40
N PHE A 168 -9.12 -4.50 7.64
CA PHE A 168 -9.46 -3.24 8.31
C PHE A 168 -8.17 -2.44 8.50
N SER A 169 -8.20 -1.13 8.24
CA SER A 169 -7.06 -0.26 8.60
C SER A 169 -7.44 1.17 8.99
N LYS A 170 -6.46 1.91 9.50
CA LYS A 170 -6.64 3.27 10.01
C LYS A 170 -7.18 4.24 8.96
N ARG A 171 -8.24 4.97 9.33
CA ARG A 171 -8.71 6.12 8.56
C ARG A 171 -8.37 7.40 9.31
N TYR A 172 -8.76 7.44 10.58
CA TYR A 172 -8.42 8.55 11.48
C TYR A 172 -7.59 8.05 12.65
N ALA A 173 -6.93 8.97 13.35
CA ALA A 173 -6.10 8.63 14.50
C ALA A 173 -6.90 8.42 15.79
N ASP A 174 -8.21 8.70 15.74
CA ASP A 174 -9.07 8.67 16.93
C ASP A 174 -9.34 7.25 17.42
N PRO A 175 -9.22 7.01 18.74
CA PRO A 175 -9.53 5.70 19.32
C PRO A 175 -11.01 5.35 19.22
N PHE A 176 -11.31 4.08 19.01
CA PHE A 176 -12.69 3.59 18.93
C PHE A 176 -12.75 2.11 19.31
N THR A 177 -13.96 1.59 19.41
CA THR A 177 -14.18 0.16 19.56
C THR A 177 -15.45 -0.21 18.81
N VAL A 178 -15.36 -1.23 17.96
CA VAL A 178 -16.54 -1.83 17.33
C VAL A 178 -16.58 -3.34 17.58
N TRP A 179 -17.75 -3.94 17.35
CA TRP A 179 -17.91 -5.38 17.42
C TRP A 179 -18.52 -5.89 16.13
N PHE A 180 -18.00 -7.00 15.63
CA PHE A 180 -18.48 -7.62 14.39
C PHE A 180 -19.18 -8.93 14.69
N SER A 181 -20.18 -9.27 13.87
CA SER A 181 -20.88 -10.54 14.00
C SER A 181 -21.15 -11.14 12.63
N ASP A 182 -20.95 -12.45 12.50
CA ASP A 182 -21.29 -13.20 11.28
C ASP A 182 -20.73 -12.55 10.00
N ILE A 183 -19.40 -12.44 9.91
CA ILE A 183 -18.77 -11.87 8.73
C ILE A 183 -18.68 -12.93 7.66
N LYS A 184 -19.23 -12.62 6.48
CA LYS A 184 -19.37 -13.58 5.40
C LYS A 184 -19.42 -12.92 4.02
N ILE A 185 -18.99 -13.65 3.00
CA ILE A 185 -19.17 -13.27 1.61
C ILE A 185 -20.31 -14.11 1.03
N THR A 186 -21.36 -13.44 0.54
CA THR A 186 -22.52 -14.13 -0.01
C THR A 186 -22.75 -13.73 -1.47
N SER A 187 -23.48 -14.56 -2.20
CA SER A 187 -23.96 -14.19 -3.53
C SER A 187 -25.30 -14.87 -3.83
N GLU A 188 -26.32 -14.05 -4.08
CA GLU A 188 -27.65 -14.55 -4.43
C GLU A 188 -27.67 -15.07 -5.88
N ASP A 189 -26.52 -15.02 -6.56
CA ASP A 189 -26.35 -15.64 -7.86
C ASP A 189 -26.26 -17.15 -7.74
N ASN A 190 -26.63 -17.85 -8.81
CA ASN A 190 -26.63 -19.31 -8.81
C ASN A 190 -25.80 -19.92 -9.94
N LYS B 15 35.49 2.01 1.38
CA LYS B 15 34.28 2.86 1.24
C LYS B 15 33.16 2.09 0.56
N LEU B 16 31.93 2.32 1.02
CA LEU B 16 30.73 1.71 0.43
C LEU B 16 30.53 2.14 -1.02
N LEU B 17 30.33 1.16 -1.89
CA LEU B 17 30.09 1.38 -3.32
C LEU B 17 28.78 2.11 -3.55
N ASP B 18 28.76 3.01 -4.52
CA ASP B 18 27.51 3.61 -4.99
C ASP B 18 26.60 2.51 -5.51
N VAL B 19 25.31 2.66 -5.30
CA VAL B 19 24.32 1.76 -5.90
C VAL B 19 23.58 2.55 -6.97
N GLN B 20 23.92 2.30 -8.22
CA GLN B 20 23.36 3.07 -9.33
C GLN B 20 21.96 2.55 -9.68
N ILE B 21 21.01 3.49 -9.76
CA ILE B 21 19.63 3.17 -10.11
C ILE B 21 19.37 3.60 -11.55
N PHE B 22 19.69 4.85 -11.87
CA PHE B 22 19.67 5.34 -13.26
C PHE B 22 20.97 6.05 -13.61
N LYS B 23 21.50 5.74 -14.79
CA LYS B 23 22.71 6.37 -15.31
C LYS B 23 22.53 6.85 -16.76
N ASP B 24 22.28 5.91 -17.67
CA ASP B 24 22.23 6.25 -19.10
C ASP B 24 21.25 5.41 -19.92
N SER B 25 20.67 4.39 -19.31
CA SER B 25 19.85 3.45 -20.06
C SER B 25 18.53 3.11 -19.36
N PRO B 26 17.53 2.60 -20.12
CA PRO B 26 16.22 2.20 -19.58
C PRO B 26 16.32 1.27 -18.36
N VAL B 27 15.49 1.56 -17.35
CA VAL B 27 15.54 0.84 -16.08
C VAL B 27 14.47 -0.25 -16.03
N VAL B 28 14.91 -1.46 -15.68
CA VAL B 28 14.00 -2.57 -15.43
C VAL B 28 13.15 -2.23 -14.22
N GLY B 29 11.85 -2.48 -14.35
CA GLY B 29 10.88 -2.19 -13.31
C GLY B 29 9.48 -2.16 -13.89
N TRP B 30 8.59 -1.44 -13.22
CA TRP B 30 7.22 -1.31 -13.66
C TRP B 30 6.65 0.05 -13.31
N SER B 31 6.13 0.72 -14.33
CA SER B 31 5.45 1.97 -14.20
C SER B 31 4.11 1.88 -14.93
N GLY B 32 3.09 2.51 -14.37
CA GLY B 32 1.77 2.45 -14.95
C GLY B 32 0.76 3.26 -14.16
N SER B 33 -0.49 3.23 -14.62
CA SER B 33 -1.55 4.03 -14.05
C SER B 33 -2.90 3.46 -14.45
N GLY B 34 -3.96 3.89 -13.76
CA GLY B 34 -5.32 3.42 -14.02
C GLY B 34 -5.80 3.71 -15.41
N MET B 35 -5.60 4.94 -15.87
CA MET B 35 -6.13 5.40 -17.16
C MET B 35 -5.08 5.72 -18.22
N GLY B 36 -3.82 5.32 -17.97
CA GLY B 36 -2.73 5.58 -18.90
C GLY B 36 -2.22 7.00 -18.87
N GLU B 37 -2.45 7.71 -17.76
CA GLU B 37 -1.99 9.08 -17.57
C GLU B 37 -0.47 9.20 -17.53
N LEU B 38 0.18 8.18 -16.95
CA LEU B 38 1.63 8.15 -16.86
C LEU B 38 2.22 7.67 -18.18
N GLU B 39 3.14 8.46 -18.72
CA GLU B 39 3.86 8.08 -19.93
C GLU B 39 4.84 6.95 -19.64
N THR B 40 4.65 5.82 -20.30
CA THR B 40 5.51 4.64 -20.15
C THR B 40 5.83 4.05 -21.52
N ILE B 41 6.90 3.28 -21.57
CA ILE B 41 7.26 2.50 -22.74
C ILE B 41 7.80 1.16 -22.25
N GLY B 42 7.23 0.07 -22.74
CA GLY B 42 7.49 -1.27 -22.20
C GLY B 42 7.26 -1.38 -20.70
N ASP B 43 6.25 -0.66 -20.22
CA ASP B 43 5.89 -0.58 -18.78
C ASP B 43 7.01 -0.05 -17.89
N THR B 44 7.80 0.85 -18.43
CA THR B 44 8.80 1.56 -17.62
C THR B 44 9.00 2.96 -18.17
N LEU B 45 9.74 3.78 -17.42
CA LEU B 45 9.90 5.20 -17.74
C LEU B 45 10.73 5.43 -19.00
N PRO B 46 10.30 6.40 -19.85
CA PRO B 46 11.11 6.75 -21.01
C PRO B 46 12.45 7.38 -20.64
N VAL B 47 13.46 7.06 -21.43
CA VAL B 47 14.76 7.72 -21.34
C VAL B 47 14.78 8.84 -22.37
N ASP B 48 15.00 10.07 -21.89
CA ASP B 48 15.01 11.24 -22.76
C ASP B 48 16.42 11.47 -23.30
N THR B 49 16.53 11.47 -24.62
CA THR B 49 17.82 11.59 -25.29
C THR B 49 18.09 13.03 -25.76
N THR B 50 17.04 13.84 -25.80
CA THR B 50 17.17 15.25 -26.18
C THR B 50 17.46 16.11 -24.96
N VAL B 51 16.78 15.83 -23.84
CA VAL B 51 17.08 16.49 -22.57
C VAL B 51 18.21 15.73 -21.87
N THR B 52 19.35 16.41 -21.75
CA THR B 52 20.58 15.80 -21.30
C THR B 52 21.07 16.48 -20.02
N TYR B 53 21.79 15.72 -19.19
CA TYR B 53 22.55 16.30 -18.09
C TYR B 53 23.92 15.63 -17.97
N ASN B 54 24.96 16.46 -17.91
CA ASN B 54 26.37 16.01 -17.93
C ASN B 54 26.71 15.06 -19.08
N GLY B 55 26.18 15.34 -20.26
CA GLY B 55 26.44 14.54 -21.44
C GLY B 55 25.65 13.25 -21.55
N LEU B 56 24.91 12.90 -20.51
CA LEU B 56 24.15 11.66 -20.47
C LEU B 56 22.64 11.88 -20.57
N PRO B 57 21.90 10.91 -21.13
CA PRO B 57 20.45 11.05 -21.22
C PRO B 57 19.75 11.07 -19.85
N THR B 58 18.48 11.46 -19.84
CA THR B 58 17.74 11.62 -18.60
C THR B 58 16.54 10.67 -18.48
N LEU B 59 16.02 10.56 -17.27
CA LEU B 59 14.83 9.77 -17.01
C LEU B 59 13.61 10.70 -16.88
N ARG B 60 12.63 10.50 -17.75
CA ARG B 60 11.46 11.36 -17.79
C ARG B 60 10.27 10.76 -17.04
N LEU B 61 9.81 11.49 -16.02
CA LEU B 61 8.57 11.19 -15.32
C LEU B 61 7.51 12.19 -15.77
N ASN B 62 6.52 11.69 -16.50
CA ASN B 62 5.56 12.54 -17.21
C ASN B 62 4.11 12.05 -17.07
N VAL B 63 3.34 12.77 -16.25
CA VAL B 63 1.91 12.51 -16.12
C VAL B 63 1.17 13.46 -17.08
N GLN B 64 0.55 12.87 -18.08
CA GLN B 64 0.05 13.61 -19.25
C GLN B 64 -1.31 14.28 -19.05
N THR B 65 -2.20 13.64 -18.28
CA THR B 65 -3.55 14.17 -18.02
C THR B 65 -3.93 14.12 -16.55
N THR B 66 -5.04 14.77 -16.20
CA THR B 66 -5.48 14.91 -14.81
C THR B 66 -5.97 13.59 -14.19
N VAL B 67 -7.22 13.23 -14.48
CA VAL B 67 -7.90 12.03 -13.92
C VAL B 67 -8.10 12.08 -12.39
N GLY B 70 -7.98 8.31 -9.21
CA GLY B 70 -6.88 7.94 -10.11
C GLY B 70 -5.66 7.46 -9.34
N TRP B 71 -4.76 6.76 -10.03
CA TRP B 71 -3.49 6.30 -9.45
C TRP B 71 -2.41 6.18 -10.52
N TRP B 72 -1.18 6.51 -10.14
CA TRP B 72 -0.01 6.13 -10.94
C TRP B 72 1.16 5.73 -10.04
N ILE B 73 1.96 4.78 -10.52
CA ILE B 73 3.15 4.35 -9.80
C ILE B 73 4.32 4.09 -10.75
N SER B 74 5.52 4.37 -10.26
CA SER B 74 6.74 4.02 -10.98
C SER B 74 7.70 3.30 -10.05
N LEU B 75 8.03 2.06 -10.42
CA LEU B 75 8.98 1.24 -9.67
C LEU B 75 10.27 1.04 -10.47
N LEU B 76 11.38 1.53 -9.91
CA LEU B 76 12.67 1.43 -10.57
C LEU B 76 13.56 0.50 -9.76
N THR B 77 13.87 -0.66 -10.32
CA THR B 77 14.59 -1.70 -9.57
C THR B 77 16.06 -1.39 -9.34
N LEU B 78 16.55 -1.77 -8.18
CA LEU B 78 17.95 -1.63 -7.82
C LEU B 78 18.77 -2.73 -8.49
N ARG B 79 18.19 -3.93 -8.59
CA ARG B 79 18.88 -5.10 -9.12
C ARG B 79 17.92 -6.06 -9.82
N GLY B 80 17.11 -5.53 -10.74
CA GLY B 80 16.17 -6.35 -11.53
C GLY B 80 15.13 -7.15 -10.76
N TRP B 81 14.65 -6.60 -9.63
CA TRP B 81 13.63 -7.23 -8.77
C TRP B 81 14.23 -8.11 -7.66
N ASN B 82 15.53 -8.38 -7.74
CA ASN B 82 16.22 -9.02 -6.63
C ASN B 82 16.40 -8.04 -5.47
N THR B 83 16.40 -8.57 -4.26
CA THR B 83 16.59 -7.76 -3.06
C THR B 83 18.04 -7.30 -2.95
N HIS B 84 18.23 -6.09 -2.47
CA HIS B 84 19.56 -5.53 -2.25
C HIS B 84 19.71 -5.08 -0.80
N ASP B 85 20.83 -5.44 -0.19
CA ASP B 85 21.12 -5.13 1.21
C ASP B 85 21.67 -3.72 1.36
N LEU B 86 20.85 -2.83 1.91
CA LEU B 86 21.22 -1.44 2.15
C LEU B 86 21.30 -1.10 3.65
N SER B 87 21.43 -2.13 4.50
CA SER B 87 21.52 -1.94 5.95
C SER B 87 22.71 -1.08 6.37
N GLN B 88 23.86 -1.32 5.75
CA GLN B 88 25.08 -0.54 5.99
C GLN B 88 24.97 0.91 5.50
N TYR B 89 23.93 1.20 4.72
CA TYR B 89 23.73 2.53 4.12
C TYR B 89 22.75 3.41 4.91
N VAL B 90 21.97 2.80 5.79
CA VAL B 90 20.90 3.50 6.51
C VAL B 90 21.38 4.71 7.34
N GLU B 91 22.40 4.48 8.17
CA GLU B 91 22.86 5.48 9.14
C GLU B 91 23.29 6.80 8.52
N ASN B 92 24.15 6.74 7.51
CA ASN B 92 24.72 7.97 6.92
C ASN B 92 24.48 8.11 5.42
N GLY B 93 23.92 7.08 4.79
CA GLY B 93 23.71 7.06 3.36
C GLY B 93 22.63 7.98 2.82
N TYR B 94 22.67 8.22 1.52
CA TYR B 94 21.74 9.12 0.85
C TYR B 94 21.15 8.51 -0.40
N LEU B 95 19.94 8.93 -0.73
CA LEU B 95 19.41 8.80 -2.07
C LEU B 95 19.73 10.10 -2.79
N GLU B 96 20.62 10.02 -3.78
CA GLU B 96 21.05 11.19 -4.54
C GLU B 96 20.57 11.15 -5.98
N PHE B 97 20.22 12.31 -6.51
CA PHE B 97 19.85 12.47 -7.92
C PHE B 97 19.84 13.94 -8.31
N ASP B 98 19.77 14.20 -9.61
CA ASP B 98 19.55 15.53 -10.13
C ASP B 98 18.16 15.61 -10.75
N ILE B 99 17.48 16.73 -10.52
CA ILE B 99 16.11 16.90 -10.98
C ILE B 99 15.85 18.31 -11.52
N LYS B 100 15.07 18.39 -12.59
CA LYS B 100 14.48 19.65 -13.02
C LYS B 100 13.07 19.43 -13.55
N GLY B 101 12.25 20.48 -13.52
CA GLY B 101 10.86 20.38 -13.91
C GLY B 101 10.57 21.15 -15.19
N LYS B 102 9.41 20.89 -15.76
CA LYS B 102 8.91 21.58 -16.95
C LYS B 102 8.49 23.01 -16.63
N GLU B 103 7.97 23.22 -15.42
CA GLU B 103 7.48 24.54 -15.01
C GLU B 103 7.81 24.93 -13.58
N GLY B 104 8.25 23.97 -12.77
CA GLY B 104 8.58 24.24 -11.38
C GLY B 104 7.44 23.90 -10.43
N GLY B 105 7.80 23.55 -9.19
CA GLY B 105 6.81 23.24 -8.15
C GLY B 105 6.14 21.88 -8.27
N GLU B 106 6.66 21.02 -9.14
CA GLU B 106 6.17 19.64 -9.28
C GLU B 106 6.37 18.87 -7.99
N ASP B 107 5.40 18.02 -7.66
CA ASP B 107 5.44 17.25 -6.42
C ASP B 107 4.86 15.85 -6.60
N PHE B 108 5.47 14.88 -5.92
CA PHE B 108 5.04 13.48 -5.97
C PHE B 108 5.60 12.72 -4.77
N VAL B 109 5.03 11.56 -4.50
CA VAL B 109 5.55 10.67 -3.45
C VAL B 109 6.82 9.97 -3.93
N ILE B 110 7.80 9.87 -3.04
CA ILE B 110 9.08 9.21 -3.35
C ILE B 110 9.49 8.32 -2.19
N GLY B 111 10.00 7.14 -2.50
CA GLY B 111 10.45 6.23 -1.45
C GLY B 111 11.02 4.93 -1.96
N PHE B 112 10.98 3.91 -1.10
CA PHE B 112 11.54 2.60 -1.39
C PHE B 112 10.56 1.48 -1.11
N ARG B 113 10.76 0.37 -1.82
CA ARG B 113 9.98 -0.84 -1.59
C ARG B 113 10.92 -2.00 -1.29
N ASP B 114 10.52 -2.82 -0.31
CA ASP B 114 11.27 -4.03 0.01
C ASP B 114 10.50 -5.29 -0.39
N LYS B 115 11.08 -6.45 -0.11
CA LYS B 115 10.39 -7.72 -0.29
C LYS B 115 10.89 -8.70 0.75
N VAL B 116 9.96 -9.23 1.54
CA VAL B 116 10.25 -10.23 2.55
C VAL B 116 9.14 -11.28 2.47
N TYR B 117 9.46 -12.44 1.88
CA TYR B 117 8.46 -13.49 1.67
C TYR B 117 7.88 -14.07 2.97
N GLU B 118 8.64 -14.00 4.06
CA GLU B 118 8.25 -14.62 5.34
C GLU B 118 7.34 -13.73 6.17
N ARG B 119 7.16 -12.49 5.73
CA ARG B 119 6.42 -11.47 6.47
C ARG B 119 4.97 -11.42 5.98
N VAL B 120 4.09 -12.10 6.72
CA VAL B 120 2.71 -12.39 6.27
C VAL B 120 1.81 -11.17 6.11
N TYR B 121 2.06 -10.13 6.92
CA TYR B 121 1.23 -8.93 6.89
C TYR B 121 1.60 -7.95 5.78
N GLY B 122 2.53 -8.36 4.91
CA GLY B 122 2.95 -7.55 3.78
C GLY B 122 4.24 -8.07 3.17
N LEU B 123 4.11 -8.81 2.07
CA LEU B 123 5.26 -9.29 1.31
C LEU B 123 6.15 -8.13 0.83
N GLU B 124 5.52 -6.99 0.54
CA GLU B 124 6.22 -5.79 0.08
C GLU B 124 5.71 -4.58 0.86
N ILE B 125 6.63 -3.87 1.50
CA ILE B 125 6.29 -2.69 2.29
C ILE B 125 7.03 -1.47 1.76
N ASP B 126 6.32 -0.35 1.68
CA ASP B 126 6.87 0.92 1.22
C ASP B 126 7.18 1.87 2.37
N VAL B 127 8.29 2.57 2.25
CA VAL B 127 8.57 3.75 3.09
C VAL B 127 8.70 4.96 2.17
N THR B 128 7.87 5.97 2.40
CA THR B 128 7.76 7.09 1.46
C THR B 128 7.66 8.47 2.12
N THR B 129 8.01 9.48 1.34
CA THR B 129 7.87 10.86 1.74
C THR B 129 7.43 11.63 0.48
N VAL B 130 7.28 12.94 0.58
CA VAL B 130 7.02 13.76 -0.61
C VAL B 130 8.31 14.48 -0.98
N ILE B 131 8.55 14.65 -2.27
CA ILE B 131 9.82 15.22 -2.74
C ILE B 131 9.98 16.69 -2.35
N SER B 132 8.87 17.40 -2.22
CA SER B 132 8.86 18.82 -1.81
C SER B 132 9.50 19.05 -0.45
N ASN B 133 9.61 18.00 0.36
CA ASN B 133 10.30 18.07 1.65
C ASN B 133 11.82 18.25 1.52
N TYR B 134 12.36 17.96 0.34
CA TYR B 134 13.81 17.98 0.14
C TYR B 134 14.27 18.92 -0.97
N VAL B 135 13.35 19.25 -1.88
CA VAL B 135 13.62 20.22 -2.95
C VAL B 135 12.37 20.94 -3.40
N THR B 136 12.54 22.20 -3.80
CA THR B 136 11.52 22.92 -4.55
C THR B 136 12.00 22.92 -5.99
N VAL B 137 11.31 22.15 -6.82
CA VAL B 137 11.72 21.91 -8.21
C VAL B 137 11.59 23.19 -9.04
N THR B 138 12.59 23.44 -9.88
CA THR B 138 12.61 24.59 -10.77
C THR B 138 12.83 24.15 -12.22
N THR B 139 12.92 25.13 -13.14
CA THR B 139 13.24 24.88 -14.54
C THR B 139 14.72 24.54 -14.72
N ASP B 140 15.50 24.73 -13.65
CA ASP B 140 16.94 24.48 -13.67
C ASP B 140 17.30 23.24 -12.88
N TRP B 141 18.39 22.59 -13.29
CA TRP B 141 18.87 21.39 -12.62
C TRP B 141 19.26 21.64 -11.17
N GLN B 142 18.84 20.74 -10.30
CA GLN B 142 19.09 20.85 -8.88
C GLN B 142 19.56 19.51 -8.35
N HIS B 143 20.60 19.51 -7.52
CA HIS B 143 21.02 18.28 -6.85
C HIS B 143 20.31 18.14 -5.50
N VAL B 144 19.77 16.94 -5.27
CA VAL B 144 19.05 16.66 -4.03
C VAL B 144 19.56 15.39 -3.37
N LYS B 145 19.69 15.45 -2.05
CA LYS B 145 20.09 14.30 -1.27
C LYS B 145 18.99 14.02 -0.25
N ILE B 146 18.46 12.80 -0.28
CA ILE B 146 17.46 12.37 0.68
C ILE B 146 18.10 11.34 1.62
N PRO B 147 18.22 11.69 2.92
CA PRO B 147 18.84 10.78 3.89
C PRO B 147 18.00 9.52 4.03
N LEU B 148 18.66 8.36 3.90
CA LEU B 148 17.99 7.08 4.07
C LEU B 148 17.39 6.90 5.47
N ARG B 149 17.97 7.57 6.45
CA ARG B 149 17.50 7.49 7.84
C ARG B 149 16.13 8.15 8.03
N ASP B 150 15.77 9.05 7.12
CA ASP B 150 14.46 9.71 7.15
C ASP B 150 13.34 8.78 6.72
N LEU B 151 13.70 7.69 6.03
CA LEU B 151 12.72 6.76 5.45
C LEU B 151 12.82 5.34 5.98
N MET B 152 14.05 4.82 6.06
CA MET B 152 14.26 3.40 6.34
C MET B 152 14.29 3.03 7.83
N LYS B 153 14.03 4.00 8.70
CA LYS B 153 13.95 3.75 10.14
C LYS B 153 12.49 3.62 10.60
N ILE B 154 11.56 3.88 9.69
CA ILE B 154 10.11 3.83 9.95
C ILE B 154 9.67 2.45 10.47
N ASN B 155 8.87 2.46 11.53
CA ASN B 155 8.48 1.25 12.29
C ASN B 155 7.36 0.39 11.69
N ASN B 156 7.29 0.30 10.36
CA ASN B 156 6.18 -0.43 9.73
C ASN B 156 6.54 -1.83 9.21
N GLY B 157 7.70 -2.33 9.62
CA GLY B 157 8.20 -3.62 9.17
C GLY B 157 9.19 -3.58 8.02
N PHE B 158 9.41 -2.40 7.45
CA PHE B 158 10.35 -2.24 6.32
C PHE B 158 11.73 -2.82 6.67
N ASP B 159 12.25 -3.65 5.76
CA ASP B 159 13.54 -4.31 5.92
C ASP B 159 14.56 -3.75 4.92
N PRO B 160 15.41 -2.80 5.36
CA PRO B 160 16.48 -2.23 4.51
C PRO B 160 17.51 -3.24 3.98
N SER B 161 17.46 -4.48 4.47
CA SER B 161 18.35 -5.52 3.95
C SER B 161 17.70 -6.28 2.79
N SER B 162 16.47 -5.90 2.46
CA SER B 162 15.69 -6.54 1.39
C SER B 162 15.03 -5.55 0.43
N VAL B 163 15.72 -4.44 0.15
CA VAL B 163 15.22 -3.41 -0.77
C VAL B 163 15.24 -3.89 -2.23
N THR B 164 14.15 -3.64 -2.96
CA THR B 164 14.07 -4.02 -4.38
C THR B 164 13.99 -2.82 -5.30
N CYS B 165 13.24 -1.79 -4.89
CA CYS B 165 12.86 -0.69 -5.77
C CYS B 165 12.94 0.69 -5.15
N LEU B 166 13.24 1.67 -5.99
CA LEU B 166 12.89 3.05 -5.76
C LEU B 166 11.45 3.26 -6.26
N VAL B 167 10.66 4.01 -5.51
CA VAL B 167 9.24 4.22 -5.84
C VAL B 167 8.91 5.69 -6.04
N PHE B 168 8.26 6.00 -7.17
CA PHE B 168 7.56 7.28 -7.32
C PHE B 168 6.07 6.97 -7.44
N SER B 169 5.24 7.78 -6.78
CA SER B 169 3.79 7.68 -6.95
C SER B 169 3.07 9.00 -6.74
N LYS B 170 1.78 8.98 -7.02
CA LYS B 170 0.91 10.15 -7.00
C LYS B 170 0.86 10.81 -5.64
N ARG B 171 1.06 12.13 -5.62
CA ARG B 171 0.66 12.97 -4.51
C ARG B 171 -0.64 13.66 -4.92
N TYR B 172 -0.54 14.56 -5.89
CA TYR B 172 -1.71 15.27 -6.42
C TYR B 172 -2.09 14.76 -7.81
N ALA B 173 -3.28 15.12 -8.25
CA ALA B 173 -3.81 14.67 -9.55
C ALA B 173 -3.29 15.49 -10.74
N ASP B 174 -2.65 16.62 -10.45
CA ASP B 174 -2.18 17.56 -11.47
C ASP B 174 -1.13 16.94 -12.39
N PRO B 175 -1.29 17.14 -13.72
CA PRO B 175 -0.27 16.71 -14.68
C PRO B 175 1.05 17.47 -14.49
N PHE B 176 2.16 16.78 -14.72
CA PHE B 176 3.51 17.37 -14.57
C PHE B 176 4.56 16.61 -15.37
N THR B 177 5.72 17.23 -15.54
CA THR B 177 6.90 16.57 -16.10
C THR B 177 8.15 17.00 -15.33
N VAL B 178 8.90 16.01 -14.86
CA VAL B 178 10.25 16.24 -14.32
C VAL B 178 11.25 15.36 -15.06
N TRP B 179 12.52 15.72 -14.98
CA TRP B 179 13.60 14.90 -15.50
C TRP B 179 14.58 14.55 -14.40
N PHE B 180 15.06 13.30 -14.42
CA PHE B 180 16.03 12.82 -13.45
C PHE B 180 17.35 12.55 -14.12
N SER B 181 18.42 12.79 -13.39
CA SER B 181 19.75 12.37 -13.81
C SER B 181 20.48 11.74 -12.63
N ASP B 182 21.31 10.74 -12.94
CA ASP B 182 22.25 10.15 -11.98
C ASP B 182 21.62 9.75 -10.63
N ILE B 183 20.61 8.88 -10.69
CA ILE B 183 19.95 8.38 -9.49
C ILE B 183 20.79 7.26 -8.89
N LYS B 184 21.21 7.44 -7.64
CA LYS B 184 22.09 6.48 -6.96
C LYS B 184 21.96 6.49 -5.43
N ILE B 185 22.33 5.38 -4.80
CA ILE B 185 22.48 5.31 -3.35
C ILE B 185 23.96 5.41 -3.01
N THR B 186 24.29 6.34 -2.11
CA THR B 186 25.68 6.56 -1.68
C THR B 186 25.79 6.54 -0.17
N SER B 187 26.99 6.24 0.34
CA SER B 187 27.31 6.43 1.76
C SER B 187 28.81 6.72 1.93
N GLU B 188 29.13 7.50 2.95
CA GLU B 188 30.53 7.83 3.25
C GLU B 188 31.23 6.77 4.11
N ASP B 189 30.45 5.99 4.86
CA ASP B 189 30.96 4.91 5.71
C ASP B 189 31.76 3.86 4.91
N ASN B 190 32.53 3.03 5.62
CA ASN B 190 33.41 2.06 4.97
C ASN B 190 32.83 0.65 4.85
#